data_4PWB
#
_entry.id   4PWB
#
_cell.length_a   117.640
_cell.length_b   117.640
_cell.length_c   202.960
_cell.angle_alpha   90.00
_cell.angle_beta   90.00
_cell.angle_gamma   120.00
#
_symmetry.space_group_name_H-M   'P 61 2 2'
#
loop_
_entity.id
_entity.type
_entity.pdbx_description
1 polymer 'Pollen allergen Phl p 4.0202'
2 non-polymer 'FLAVIN-ADENINE DINUCLEOTIDE'
3 non-polymer 'SODIUM ION'
4 non-polymer 'MALONATE ION'
5 non-polymer XENON
6 water water
#
_entity_poly.entity_id   1
_entity_poly.type   'polypeptide(L)'
_entity_poly.pdbx_seq_one_letter_code
;YFPPPAAKEDFLGCLVKEIPPRLLYAKSSPAYPSVLGQTIRNSRWSSPDNVKPLYIITPTQVSHIQSAVVCGRRHTVRIR
VRSGGHDYEGLSYRSLQPETFAVVDLNKMRAVWVDGKARTAWVDSGAQLGELYYAIYKASPTLAFPAGVCPTVGVGGNFA
GGGFGMLLRKYGIAAENVIDVKLVDANGKLHDKKSMGDDHFWAVRGGGGESFGIVVAWQVKLLPVPPTVTIFKISKTVSE
GAVDIINKWQVVAPQLPADLMIRIIAQGPKATFEAMYLGTCKTLTPLMSSKFPELGMNPSHCNEMSWIQSIPFVHLGHRD
ALEDDLLNRQNSFKPFAEYKSDYVYQPFPKTVWEQILNTWLVKPGAGIMIFDPYGATISATPESATPFPHRKGVLFNIQY
VNYWFAPGAAAAPLSWSKDIYNYMEPYVSKNPRQAYANYRDIDLGRNEVVNDVSTYASGKVWGQKYFKGNFERLAITKGK
VDPTDYFRNEQSIPPLIKKY
;
_entity_poly.pdbx_strand_id   A
#
# COMPACT_ATOMS: atom_id res chain seq x y z
N GLU A 9 -7.95 33.95 3.68
CA GLU A 9 -7.38 35.29 3.59
C GLU A 9 -5.97 35.21 2.96
N ASP A 10 -4.92 35.27 3.77
CA ASP A 10 -3.60 35.52 3.20
C ASP A 10 -2.91 34.25 2.69
N PHE A 11 -3.28 33.07 3.17
CA PHE A 11 -2.73 31.84 2.58
C PHE A 11 -3.14 31.80 1.11
N LEU A 12 -4.44 31.89 0.86
CA LEU A 12 -4.94 31.92 -0.52
C LEU A 12 -4.32 33.05 -1.33
N GLY A 13 -4.15 34.21 -0.68
CA GLY A 13 -3.52 35.33 -1.32
C GLY A 13 -2.13 35.00 -1.83
N CYS A 14 -1.35 34.35 -0.97
CA CYS A 14 0.00 33.90 -1.34
C CYS A 14 -0.05 32.88 -2.50
N LEU A 15 -1.00 31.96 -2.48
CA LEU A 15 -1.06 30.92 -3.53
C LEU A 15 -1.28 31.56 -4.91
N VAL A 16 -2.22 32.50 -4.98
CA VAL A 16 -2.61 33.08 -6.27
C VAL A 16 -1.48 33.85 -6.93
N LYS A 17 -0.53 34.35 -6.13
CA LYS A 17 0.63 35.02 -6.69
C LYS A 17 1.54 34.09 -7.48
N GLU A 18 1.51 32.80 -7.15
CA GLU A 18 2.51 31.85 -7.67
C GLU A 18 1.89 30.75 -8.51
N ILE A 19 0.62 30.46 -8.28
CA ILE A 19 -0.01 29.31 -8.94
C ILE A 19 -1.19 29.76 -9.79
N PRO A 20 -1.30 29.25 -11.04
CA PRO A 20 -2.48 29.50 -11.89
C PRO A 20 -3.77 29.27 -11.15
N PRO A 21 -4.68 30.26 -11.16
CA PRO A 21 -5.87 30.11 -10.30
C PRO A 21 -6.81 28.98 -10.69
N ARG A 22 -6.69 28.48 -11.92
CA ARG A 22 -7.54 27.36 -12.33
C ARG A 22 -7.14 26.07 -11.58
N LEU A 23 -5.97 26.10 -10.95
CA LEU A 23 -5.46 24.97 -10.18
C LEU A 23 -5.76 25.08 -8.68
N LEU A 24 -6.56 26.07 -8.29
CA LEU A 24 -6.87 26.34 -6.89
C LEU A 24 -8.35 26.23 -6.69
N TYR A 25 -8.75 25.59 -5.59
CA TYR A 25 -10.15 25.38 -5.27
C TYR A 25 -10.46 25.68 -3.81
N ALA A 26 -11.46 26.53 -3.58
CA ALA A 26 -11.98 26.79 -2.24
C ALA A 26 -13.29 26.06 -2.08
N LYS A 27 -13.82 25.97 -0.86
CA LYS A 27 -15.05 25.20 -0.64
C LYS A 27 -16.20 25.75 -1.45
N SER A 28 -16.12 27.05 -1.74
CA SER A 28 -17.17 27.74 -2.47
C SER A 28 -17.03 27.55 -3.98
N SER A 29 -15.91 27.00 -4.43
CA SER A 29 -15.67 26.85 -5.86
C SER A 29 -16.63 25.79 -6.40
N PRO A 30 -17.18 26.02 -7.62
CA PRO A 30 -18.15 25.10 -8.22
C PRO A 30 -17.64 23.66 -8.33
N ALA A 31 -16.39 23.52 -8.77
CA ALA A 31 -15.78 22.21 -9.01
C ALA A 31 -15.23 21.54 -7.74
N TYR A 32 -15.19 22.24 -6.59
CA TYR A 32 -14.54 21.69 -5.40
C TYR A 32 -15.05 20.28 -5.03
N PRO A 33 -16.39 20.06 -4.98
CA PRO A 33 -16.87 18.72 -4.58
C PRO A 33 -16.38 17.61 -5.52
N SER A 34 -16.26 17.95 -6.78
CA SER A 34 -15.81 17.01 -7.79
C SER A 34 -14.33 16.69 -7.65
N VAL A 35 -13.52 17.73 -7.50
CA VAL A 35 -12.07 17.56 -7.34
C VAL A 35 -11.78 16.81 -6.04
N LEU A 36 -12.48 17.14 -4.97
CA LEU A 36 -12.31 16.40 -3.72
C LEU A 36 -12.66 14.92 -3.85
N GLY A 37 -13.78 14.60 -4.49
CA GLY A 37 -14.27 13.22 -4.53
C GLY A 37 -13.62 12.33 -5.59
N GLN A 38 -12.87 12.91 -6.51
CA GLN A 38 -12.39 12.21 -7.68
C GLN A 38 -11.56 10.93 -7.36
N THR A 39 -10.79 10.95 -6.27
CA THR A 39 -9.96 9.79 -5.90
C THR A 39 -10.25 9.31 -4.50
N ILE A 40 -11.40 9.67 -3.94
CA ILE A 40 -11.85 9.03 -2.73
C ILE A 40 -12.30 7.63 -3.11
N ARG A 41 -11.74 6.63 -2.41
CA ARG A 41 -11.98 5.22 -2.72
C ARG A 41 -12.88 4.52 -1.68
N ASN A 42 -13.29 5.25 -0.66
CA ASN A 42 -13.97 4.65 0.49
C ASN A 42 -15.16 5.52 0.86
N SER A 43 -16.38 4.98 0.68
CA SER A 43 -17.58 5.78 0.93
C SER A 43 -17.75 6.20 2.40
N ARG A 44 -17.02 5.57 3.31
CA ARG A 44 -17.04 6.06 4.69
C ARG A 44 -16.54 7.50 4.79
N TRP A 45 -15.62 7.88 3.91
CA TRP A 45 -14.89 9.14 4.07
C TRP A 45 -15.34 10.23 3.09
N SER A 46 -16.32 9.94 2.25
CA SER A 46 -16.79 10.92 1.24
C SER A 46 -18.00 11.74 1.73
N SER A 47 -18.66 11.27 2.78
CA SER A 47 -19.88 11.88 3.27
C SER A 47 -19.66 13.21 4.00
N PRO A 48 -20.72 14.03 4.10
CA PRO A 48 -20.55 15.42 4.53
C PRO A 48 -20.10 15.61 5.97
N ASP A 49 -20.24 14.59 6.80
CA ASP A 49 -19.79 14.67 8.19
C ASP A 49 -18.25 14.60 8.34
N ASN A 50 -17.55 14.28 7.25
CA ASN A 50 -16.08 14.21 7.28
C ASN A 50 -15.49 15.60 7.23
N VAL A 51 -14.38 15.83 7.93
CA VAL A 51 -13.70 17.13 7.86
C VAL A 51 -13.07 17.33 6.50
N LYS A 52 -13.39 18.46 5.88
CA LYS A 52 -12.94 18.78 4.53
C LYS A 52 -11.80 19.78 4.49
N PRO A 53 -10.99 19.72 3.43
CA PRO A 53 -9.95 20.72 3.29
C PRO A 53 -10.48 22.12 3.01
N LEU A 54 -9.81 23.11 3.57
CA LEU A 54 -10.09 24.51 3.29
C LEU A 54 -9.84 24.83 1.83
N TYR A 55 -8.71 24.36 1.31
CA TYR A 55 -8.36 24.60 -0.08
C TYR A 55 -7.84 23.31 -0.69
N ILE A 56 -7.95 23.19 -2.01
CA ILE A 56 -7.30 22.12 -2.77
C ILE A 56 -6.45 22.73 -3.87
N ILE A 57 -5.22 22.25 -3.99
CA ILE A 57 -4.31 22.70 -5.03
C ILE A 57 -3.99 21.51 -5.91
N THR A 58 -4.12 21.66 -7.23
CA THR A 58 -3.79 20.59 -8.18
C THR A 58 -2.64 21.00 -9.07
N PRO A 59 -1.42 20.89 -8.55
CA PRO A 59 -0.26 21.32 -9.32
C PRO A 59 -0.09 20.53 -10.63
N THR A 60 0.56 21.18 -11.60
CA THR A 60 0.93 20.52 -12.85
C THR A 60 2.42 20.60 -13.07
N GLN A 61 3.10 21.38 -12.22
CA GLN A 61 4.55 21.59 -12.28
C GLN A 61 5.13 21.51 -10.86
N VAL A 62 6.37 21.07 -10.72
CA VAL A 62 6.99 20.96 -9.39
C VAL A 62 7.08 22.34 -8.71
N SER A 63 7.27 23.41 -9.47
CA SER A 63 7.33 24.75 -8.86
C SER A 63 6.02 25.11 -8.20
N HIS A 64 4.88 24.61 -8.70
CA HIS A 64 3.60 24.81 -7.99
C HIS A 64 3.60 24.15 -6.57
N ILE A 65 4.20 22.95 -6.48
CA ILE A 65 4.28 22.27 -5.19
C ILE A 65 5.17 23.09 -4.24
N GLN A 66 6.32 23.52 -4.72
CA GLN A 66 7.22 24.32 -3.92
C GLN A 66 6.52 25.58 -3.42
N SER A 67 5.76 26.23 -4.29
CA SER A 67 5.10 27.47 -3.93
C SER A 67 4.06 27.23 -2.86
N ALA A 68 3.32 26.14 -3.02
CA ALA A 68 2.29 25.78 -2.06
C ALA A 68 2.87 25.54 -0.66
N VAL A 69 4.00 24.86 -0.61
CA VAL A 69 4.63 24.57 0.68
C VAL A 69 5.14 25.88 1.33
N VAL A 70 5.84 26.68 0.56
CA VAL A 70 6.34 27.97 1.07
C VAL A 70 5.19 28.81 1.63
N CYS A 71 4.09 28.91 0.89
CA CYS A 71 2.93 29.65 1.37
C CYS A 71 2.37 29.06 2.64
N GLY A 72 2.33 27.73 2.71
CA GLY A 72 1.82 27.08 3.90
C GLY A 72 2.69 27.32 5.13
N ARG A 73 4.01 27.31 4.93
CA ARG A 73 4.93 27.58 6.02
C ARG A 73 4.73 29.02 6.50
N ARG A 74 4.74 29.95 5.53
CA ARG A 74 4.57 31.40 5.85
C ARG A 74 3.28 31.68 6.61
N HIS A 75 2.18 31.06 6.20
CA HIS A 75 0.89 31.33 6.81
C HIS A 75 0.40 30.24 7.76
N THR A 76 1.30 29.34 8.16
CA THR A 76 0.97 28.21 9.03
C THR A 76 -0.37 27.55 8.69
N VAL A 77 -0.46 27.09 7.44
CA VAL A 77 -1.53 26.20 7.01
C VAL A 77 -0.88 24.89 6.55
N ARG A 78 -1.21 23.80 7.24
CA ARG A 78 -0.62 22.50 6.91
C ARG A 78 -1.27 21.87 5.66
N ILE A 79 -0.47 21.06 4.99
CA ILE A 79 -0.80 20.41 3.72
C ILE A 79 -0.84 18.90 3.89
N ARG A 80 -1.90 18.28 3.40
CA ARG A 80 -1.95 16.82 3.22
C ARG A 80 -1.81 16.50 1.74
N VAL A 81 -0.90 15.62 1.36
CA VAL A 81 -0.66 15.31 -0.04
C VAL A 81 -1.44 14.06 -0.44
N ARG A 82 -2.04 14.10 -1.63
CA ARG A 82 -2.79 12.98 -2.18
C ARG A 82 -2.23 12.64 -3.54
N SER A 83 -1.99 11.36 -3.78
CA SER A 83 -1.62 10.90 -5.09
C SER A 83 -2.78 10.08 -5.66
N GLY A 84 -2.91 8.82 -5.25
CA GLY A 84 -4.03 8.00 -5.72
C GLY A 84 -5.26 7.95 -4.85
N GLY A 85 -5.18 8.50 -3.62
CA GLY A 85 -6.33 8.57 -2.74
C GLY A 85 -6.74 7.28 -2.03
N HIS A 86 -5.97 6.21 -2.18
CA HIS A 86 -6.36 4.92 -1.56
C HIS A 86 -6.15 4.76 -0.05
N ASP A 87 -5.59 5.77 0.62
CA ASP A 87 -5.34 5.68 2.06
C ASP A 87 -6.53 5.07 2.79
N TYR A 88 -6.30 4.01 3.54
CA TYR A 88 -7.43 3.27 4.11
C TYR A 88 -8.26 4.11 5.10
N GLU A 89 -7.65 5.15 5.67
CA GLU A 89 -8.35 6.01 6.60
C GLU A 89 -8.68 7.38 5.96
N GLY A 90 -8.35 7.53 4.69
CA GLY A 90 -8.58 8.79 4.01
C GLY A 90 -7.69 9.97 4.45
N LEU A 91 -6.55 9.70 5.08
CA LEU A 91 -5.74 10.77 5.67
C LEU A 91 -5.04 11.70 4.67
N SER A 92 -5.11 11.35 3.40
CA SER A 92 -4.65 12.21 2.32
C SER A 92 -5.63 13.34 1.98
N TYR A 93 -6.88 13.27 2.46
CA TYR A 93 -7.89 14.30 2.11
C TYR A 93 -8.91 14.62 3.22
N ARG A 94 -8.81 13.97 4.38
CA ARG A 94 -9.67 14.29 5.56
C ARG A 94 -8.83 14.26 6.82
N SER A 95 -9.30 14.93 7.86
CA SER A 95 -8.73 14.81 9.20
C SER A 95 -9.76 14.19 10.11
N LEU A 96 -9.31 13.61 11.21
CA LEU A 96 -10.24 12.92 12.11
C LEU A 96 -11.04 13.93 12.96
N GLN A 97 -10.40 15.02 13.35
CA GLN A 97 -11.05 16.09 14.12
C GLN A 97 -10.98 17.39 13.34
N PRO A 98 -11.90 18.34 13.64
CA PRO A 98 -11.90 19.62 12.93
C PRO A 98 -10.54 20.27 12.95
N GLU A 99 -10.07 20.69 11.78
CA GLU A 99 -8.87 21.50 11.71
C GLU A 99 -8.71 22.07 10.32
N THR A 100 -7.82 23.06 10.21
CA THR A 100 -7.56 23.72 8.95
C THR A 100 -6.42 23.04 8.20
N PHE A 101 -6.70 22.60 6.97
CA PHE A 101 -5.64 22.06 6.12
C PHE A 101 -6.00 22.22 4.63
N ALA A 102 -4.96 22.23 3.80
CA ALA A 102 -5.09 22.21 2.37
C ALA A 102 -4.67 20.83 1.87
N VAL A 103 -5.27 20.39 0.76
CA VAL A 103 -4.82 19.17 0.08
C VAL A 103 -4.05 19.59 -1.18
N VAL A 104 -2.84 19.08 -1.31
CA VAL A 104 -2.09 19.15 -2.56
C VAL A 104 -2.30 17.80 -3.29
N ASP A 105 -3.06 17.87 -4.38
CA ASP A 105 -3.53 16.69 -5.13
C ASP A 105 -2.71 16.55 -6.38
N LEU A 106 -2.00 15.43 -6.53
CA LEU A 106 -1.01 15.30 -7.60
C LEU A 106 -1.54 14.61 -8.85
N ASN A 107 -2.85 14.43 -8.95
CA ASN A 107 -3.37 13.59 -10.04
C ASN A 107 -3.04 14.10 -11.44
N LYS A 108 -2.70 15.37 -11.59
CA LYS A 108 -2.35 15.90 -12.92
C LYS A 108 -0.89 15.69 -13.27
N MET A 109 -0.09 15.28 -12.28
CA MET A 109 1.31 15.00 -12.51
C MET A 109 1.48 13.49 -12.55
N ARG A 110 1.44 12.96 -13.76
CA ARG A 110 1.24 11.53 -13.96
C ARG A 110 2.08 10.97 -15.11
N ALA A 111 3.18 11.64 -15.44
CA ALA A 111 4.04 11.17 -16.51
C ALA A 111 4.86 9.96 -16.06
N VAL A 112 5.07 9.04 -16.99
CA VAL A 112 5.99 7.92 -16.79
C VAL A 112 6.95 7.91 -17.96
N TRP A 113 8.24 8.06 -17.68
CA TRP A 113 9.26 8.00 -18.72
C TRP A 113 10.17 6.81 -18.55
N VAL A 114 9.99 5.81 -19.42
CA VAL A 114 10.74 4.57 -19.33
C VAL A 114 11.94 4.58 -20.25
N ASP A 115 13.08 4.17 -19.70
CA ASP A 115 14.30 3.96 -20.47
C ASP A 115 14.56 2.46 -20.54
N GLY A 116 14.05 1.82 -21.60
CA GLY A 116 14.09 0.38 -21.74
C GLY A 116 15.49 -0.21 -21.69
N LYS A 117 16.42 0.43 -22.40
CA LYS A 117 17.78 -0.08 -22.50
C LYS A 117 18.54 0.02 -21.18
N ALA A 118 18.40 1.15 -20.49
CA ALA A 118 19.01 1.31 -19.18
C ALA A 118 18.28 0.51 -18.08
N ARG A 119 17.06 0.07 -18.38
CA ARG A 119 16.19 -0.59 -17.42
C ARG A 119 15.92 0.29 -16.21
N THR A 120 15.58 1.55 -16.48
CA THR A 120 15.17 2.47 -15.42
C THR A 120 13.97 3.25 -15.90
N ALA A 121 13.27 3.87 -14.97
CA ALA A 121 12.12 4.70 -15.32
C ALA A 121 11.96 5.80 -14.27
N TRP A 122 11.52 6.98 -14.72
CA TRP A 122 11.07 8.03 -13.84
C TRP A 122 9.58 8.02 -13.88
N VAL A 123 8.99 8.01 -12.70
CA VAL A 123 7.54 7.98 -12.58
C VAL A 123 7.02 9.01 -11.60
N ASP A 124 6.10 9.85 -12.09
CA ASP A 124 5.45 10.84 -11.25
C ASP A 124 4.59 10.17 -10.20
N SER A 125 4.52 10.77 -9.01
CA SER A 125 3.73 10.22 -7.92
C SER A 125 2.25 10.13 -8.19
N GLY A 126 1.74 11.03 -9.02
CA GLY A 126 0.34 11.06 -9.38
C GLY A 126 -0.08 10.02 -10.41
N ALA A 127 0.88 9.31 -10.98
CA ALA A 127 0.57 8.16 -11.83
C ALA A 127 -0.05 7.06 -10.97
N GLN A 128 -0.96 6.29 -11.55
CA GLN A 128 -1.49 5.11 -10.89
C GLN A 128 -0.64 3.89 -11.28
N LEU A 129 -0.65 2.84 -10.46
CA LEU A 129 0.21 1.69 -10.75
C LEU A 129 -0.04 1.12 -12.14
N GLY A 130 -1.29 1.08 -12.56
CA GLY A 130 -1.59 0.53 -13.87
C GLY A 130 -0.95 1.31 -14.98
N GLU A 131 -0.85 2.63 -14.82
CA GLU A 131 -0.20 3.48 -15.81
C GLU A 131 1.30 3.23 -15.86
N LEU A 132 1.92 3.03 -14.69
CA LEU A 132 3.33 2.63 -14.64
C LEU A 132 3.56 1.28 -15.36
N TYR A 133 2.76 0.29 -14.99
CA TYR A 133 2.91 -1.04 -15.55
C TYR A 133 2.71 -1.03 -17.08
N TYR A 134 1.72 -0.28 -17.52
CA TYR A 134 1.42 -0.20 -18.96
C TYR A 134 2.53 0.50 -19.75
N ALA A 135 3.16 1.51 -19.16
CA ALA A 135 4.29 2.18 -19.82
C ALA A 135 5.49 1.27 -19.86
N ILE A 136 5.64 0.42 -18.87
CA ILE A 136 6.76 -0.50 -18.89
C ILE A 136 6.53 -1.50 -20.03
N TYR A 137 5.31 -1.98 -20.14
CA TYR A 137 4.93 -2.89 -21.23
C TYR A 137 5.15 -2.30 -22.64
N LYS A 138 4.74 -1.05 -22.85
CA LYS A 138 4.98 -0.37 -24.11
C LYS A 138 6.48 -0.32 -24.42
N ALA A 139 7.35 -0.34 -23.41
CA ALA A 139 8.79 -0.35 -23.65
C ALA A 139 9.37 -1.77 -23.84
N SER A 140 8.82 -2.77 -23.16
CA SER A 140 9.39 -4.13 -23.23
C SER A 140 8.46 -5.19 -22.64
N PRO A 141 8.33 -6.34 -23.34
CA PRO A 141 7.44 -7.40 -22.85
C PRO A 141 8.10 -8.28 -21.78
N THR A 142 9.38 -8.06 -21.49
CA THR A 142 10.09 -8.86 -20.51
C THR A 142 10.68 -8.01 -19.38
N LEU A 143 10.08 -6.84 -19.11
CA LEU A 143 10.43 -6.02 -17.95
C LEU A 143 9.19 -5.82 -17.07
N ALA A 144 9.44 -5.62 -15.77
CA ALA A 144 8.37 -5.50 -14.79
C ALA A 144 8.82 -4.62 -13.65
N PHE A 145 7.88 -4.29 -12.77
CA PHE A 145 8.24 -3.62 -11.52
C PHE A 145 7.38 -4.19 -10.38
N PRO A 146 8.01 -4.47 -9.22
CA PRO A 146 7.28 -5.15 -8.14
C PRO A 146 6.53 -4.21 -7.17
N ALA A 147 5.36 -3.72 -7.54
CA ALA A 147 4.59 -2.86 -6.65
C ALA A 147 3.24 -3.52 -6.42
N GLY A 148 2.26 -2.77 -5.94
CA GLY A 148 0.95 -3.36 -5.66
C GLY A 148 0.17 -4.03 -6.79
N VAL A 149 -0.93 -4.68 -6.42
CA VAL A 149 -1.75 -5.47 -7.33
CA VAL A 149 -1.74 -5.46 -7.35
C VAL A 149 -2.88 -4.64 -7.97
N CYS A 150 -3.33 -3.61 -7.26
CA CYS A 150 -4.51 -2.81 -7.63
C CYS A 150 -4.10 -1.66 -8.61
N PRO A 151 -4.63 -1.64 -9.85
CA PRO A 151 -4.20 -0.67 -10.87
C PRO A 151 -4.48 0.81 -10.54
N THR A 152 -5.45 1.12 -9.70
CA THR A 152 -5.76 2.51 -9.42
C THR A 152 -5.01 3.08 -8.21
N VAL A 153 -4.20 2.26 -7.55
CA VAL A 153 -3.39 2.74 -6.43
C VAL A 153 -2.35 3.76 -6.92
N GLY A 154 -2.17 4.83 -6.16
CA GLY A 154 -1.22 5.84 -6.56
C GLY A 154 0.22 5.44 -6.29
N VAL A 155 1.11 5.79 -7.20
CA VAL A 155 2.52 5.54 -6.98
C VAL A 155 3.03 6.21 -5.69
N GLY A 156 2.61 7.44 -5.43
CA GLY A 156 3.16 8.19 -4.32
C GLY A 156 2.99 7.51 -2.98
N GLY A 157 1.75 7.13 -2.65
CA GLY A 157 1.50 6.49 -1.37
C GLY A 157 1.97 5.07 -1.34
N ASN A 158 1.90 4.38 -2.48
CA ASN A 158 2.27 2.96 -2.52
C ASN A 158 3.78 2.79 -2.23
N PHE A 159 4.60 3.58 -2.92
CA PHE A 159 6.06 3.49 -2.72
C PHE A 159 6.49 4.03 -1.33
N ALA A 160 5.87 5.12 -0.89
CA ALA A 160 6.25 5.73 0.41
C ALA A 160 6.07 4.77 1.56
N GLY A 161 5.03 3.93 1.46
CA GLY A 161 4.71 2.97 2.50
C GLY A 161 5.28 1.58 2.29
N GLY A 162 6.02 1.39 1.22
CA GLY A 162 6.71 0.14 0.92
C GLY A 162 6.32 -0.43 -0.42
N GLY A 163 5.12 -1.02 -0.48
CA GLY A 163 4.53 -1.48 -1.72
C GLY A 163 4.90 -2.92 -2.07
N PHE A 164 3.93 -3.83 -2.00
CA PHE A 164 4.24 -5.20 -2.41
C PHE A 164 3.09 -5.87 -3.14
N GLY A 165 3.43 -6.82 -3.97
CA GLY A 165 2.43 -7.51 -4.75
C GLY A 165 2.94 -8.87 -5.17
N MET A 166 2.53 -9.33 -6.33
CA MET A 166 2.75 -10.74 -6.68
C MET A 166 4.22 -11.03 -7.06
N LEU A 167 5.07 -10.00 -7.15
CA LEU A 167 6.50 -10.26 -7.36
C LEU A 167 7.30 -10.13 -6.05
N LEU A 168 6.64 -10.08 -4.90
CA LEU A 168 7.37 -9.77 -3.66
C LEU A 168 8.39 -10.86 -3.28
N ARG A 169 8.13 -12.11 -3.64
CA ARG A 169 9.07 -13.17 -3.22
C ARG A 169 10.27 -13.14 -4.14
N LYS A 170 10.04 -12.69 -5.37
CA LYS A 170 11.11 -12.63 -6.35
C LYS A 170 11.98 -11.37 -6.15
N TYR A 171 11.36 -10.22 -5.91
CA TYR A 171 12.09 -8.96 -5.95
C TYR A 171 11.89 -8.04 -4.74
N GLY A 172 11.13 -8.48 -3.74
CA GLY A 172 10.97 -7.65 -2.54
C GLY A 172 9.94 -6.56 -2.76
N ILE A 173 10.03 -5.46 -1.99
CA ILE A 173 9.02 -4.41 -2.07
C ILE A 173 9.42 -3.27 -3.05
N ALA A 174 8.44 -2.47 -3.47
CA ALA A 174 8.71 -1.40 -4.45
C ALA A 174 9.81 -0.48 -3.96
N ALA A 175 9.75 -0.14 -2.67
CA ALA A 175 10.63 0.88 -2.11
C ALA A 175 12.09 0.46 -2.14
N GLU A 176 12.39 -0.84 -2.13
CA GLU A 176 13.80 -1.23 -2.12
C GLU A 176 14.32 -1.38 -3.55
N ASN A 177 13.48 -1.05 -4.54
CA ASN A 177 13.87 -1.01 -5.95
C ASN A 177 13.80 0.41 -6.54
N VAL A 178 13.76 1.37 -5.63
CA VAL A 178 13.82 2.80 -5.96
C VAL A 178 15.27 3.26 -5.91
N ILE A 179 15.74 3.93 -6.95
CA ILE A 179 17.15 4.31 -7.00
C ILE A 179 17.38 5.83 -6.89
N ASP A 180 16.33 6.62 -7.05
CA ASP A 180 16.41 8.06 -6.79
C ASP A 180 15.00 8.62 -6.60
N VAL A 181 14.93 9.81 -6.03
CA VAL A 181 13.65 10.51 -5.91
C VAL A 181 13.84 12.01 -6.15
N LYS A 182 12.72 12.67 -6.39
CA LYS A 182 12.68 14.11 -6.48
C LYS A 182 11.64 14.50 -5.44
N LEU A 183 12.05 15.30 -4.47
CA LEU A 183 11.26 15.52 -3.30
C LEU A 183 11.23 17.02 -2.91
N VAL A 184 10.08 17.50 -2.44
CA VAL A 184 9.96 18.85 -1.87
C VAL A 184 9.87 18.73 -0.35
N ASP A 185 10.84 19.31 0.35
CA ASP A 185 10.87 19.20 1.80
C ASP A 185 9.99 20.26 2.48
N ALA A 186 10.05 20.29 3.81
CA ALA A 186 9.16 21.16 4.58
C ALA A 186 9.51 22.65 4.47
N ASN A 187 10.63 22.99 3.87
CA ASN A 187 10.95 24.38 3.56
C ASN A 187 10.80 24.74 2.09
N GLY A 188 10.16 23.87 1.31
CA GLY A 188 9.96 24.14 -0.11
C GLY A 188 11.16 23.84 -0.98
N LYS A 189 12.19 23.25 -0.41
CA LYS A 189 13.39 22.96 -1.19
C LYS A 189 13.28 21.64 -1.94
N LEU A 190 13.77 21.64 -3.19
CA LEU A 190 13.77 20.45 -4.05
C LEU A 190 15.05 19.65 -3.83
N HIS A 191 14.87 18.38 -3.55
CA HIS A 191 15.97 17.50 -3.21
C HIS A 191 16.01 16.29 -4.10
N ASP A 192 17.19 15.69 -4.22
CA ASP A 192 17.31 14.34 -4.74
C ASP A 192 18.16 13.52 -3.77
N LYS A 193 18.44 12.27 -4.14
CA LYS A 193 19.19 11.36 -3.30
CA LYS A 193 19.18 11.34 -3.30
C LYS A 193 20.47 12.02 -2.79
N LYS A 194 21.20 12.59 -3.72
CA LYS A 194 22.50 13.22 -3.44
C LYS A 194 22.38 14.33 -2.40
N SER A 195 21.38 15.19 -2.56
CA SER A 195 21.28 16.33 -1.65
C SER A 195 20.62 15.99 -0.33
N MET A 196 19.81 14.95 -0.26
CA MET A 196 19.09 14.72 0.99
CA MET A 196 19.04 14.57 0.94
C MET A 196 19.91 13.88 2.00
N GLY A 197 20.86 13.06 1.52
CA GLY A 197 21.66 12.21 2.42
C GLY A 197 21.04 10.86 2.76
N ASP A 198 21.85 9.97 3.36
CA ASP A 198 21.45 8.59 3.63
C ASP A 198 20.19 8.47 4.49
N ASP A 199 20.12 9.22 5.59
CA ASP A 199 19.02 9.06 6.54
C ASP A 199 17.65 9.41 5.90
N HIS A 200 17.61 10.55 5.26
CA HIS A 200 16.37 11.01 4.65
C HIS A 200 15.97 10.09 3.48
N PHE A 201 16.94 9.65 2.70
CA PHE A 201 16.66 8.79 1.56
C PHE A 201 16.23 7.37 2.03
N TRP A 202 16.75 6.93 3.18
CA TRP A 202 16.35 5.67 3.78
C TRP A 202 14.89 5.76 4.24
N ALA A 203 14.57 6.85 4.92
CA ALA A 203 13.28 7.02 5.54
C ALA A 203 12.14 7.15 4.51
N VAL A 204 12.39 7.86 3.43
CA VAL A 204 11.30 8.19 2.51
C VAL A 204 10.84 6.94 1.74
N ARG A 205 11.74 5.97 1.58
CA ARG A 205 11.48 4.75 0.84
C ARG A 205 10.97 3.66 1.80
N GLY A 206 9.73 3.81 2.25
CA GLY A 206 9.11 2.81 3.11
C GLY A 206 8.70 3.26 4.49
N GLY A 207 9.05 4.51 4.85
CA GLY A 207 8.75 5.03 6.16
C GLY A 207 7.37 5.65 6.30
N GLY A 208 6.53 5.43 5.30
CA GLY A 208 5.15 5.88 5.30
C GLY A 208 4.99 7.23 4.58
N GLY A 209 3.80 7.49 4.10
CA GLY A 209 3.55 8.73 3.38
C GLY A 209 3.50 9.94 4.29
N GLU A 210 3.62 11.11 3.65
CA GLU A 210 3.44 12.44 4.28
C GLU A 210 4.67 12.88 5.12
N SER A 211 5.10 12.02 6.04
CA SER A 211 6.05 12.41 7.07
C SER A 211 7.38 13.01 6.60
N PHE A 212 7.89 12.58 5.45
CA PHE A 212 9.22 12.96 5.03
C PHE A 212 9.28 13.89 3.81
N GLY A 213 8.18 14.56 3.52
CA GLY A 213 8.12 15.47 2.38
C GLY A 213 7.28 14.95 1.24
N ILE A 214 7.05 15.81 0.27
CA ILE A 214 6.25 15.47 -0.88
C ILE A 214 7.16 14.92 -1.94
N VAL A 215 7.05 13.63 -2.23
CA VAL A 215 7.80 13.06 -3.32
C VAL A 215 7.07 13.40 -4.63
N VAL A 216 7.82 14.01 -5.56
CA VAL A 216 7.25 14.42 -6.83
C VAL A 216 7.35 13.29 -7.86
N ALA A 217 8.49 12.61 -7.86
CA ALA A 217 8.73 11.55 -8.79
C ALA A 217 9.73 10.57 -8.22
N TRP A 218 9.66 9.34 -8.71
CA TRP A 218 10.50 8.27 -8.23
C TRP A 218 11.25 7.67 -9.43
N GLN A 219 12.55 7.42 -9.27
CA GLN A 219 13.27 6.68 -10.29
C GLN A 219 13.43 5.24 -9.81
N VAL A 220 13.03 4.32 -10.68
CA VAL A 220 12.99 2.91 -10.35
C VAL A 220 13.89 2.10 -11.30
N LYS A 221 14.43 0.99 -10.82
CA LYS A 221 15.06 0.03 -11.68
C LYS A 221 14.00 -0.99 -12.12
N LEU A 222 14.04 -1.33 -13.39
CA LEU A 222 13.07 -2.26 -13.98
C LEU A 222 13.69 -3.64 -14.00
N LEU A 223 12.89 -4.67 -13.75
CA LEU A 223 13.46 -5.98 -13.51
C LEU A 223 12.95 -7.01 -14.52
N PRO A 224 13.80 -8.00 -14.83
CA PRO A 224 13.42 -8.97 -15.86
C PRO A 224 12.31 -9.91 -15.42
N VAL A 225 11.41 -10.20 -16.35
CA VAL A 225 10.46 -11.31 -16.23
C VAL A 225 10.44 -12.09 -17.54
N PRO A 226 10.13 -13.39 -17.48
CA PRO A 226 10.05 -14.16 -18.72
C PRO A 226 8.90 -13.71 -19.61
N PRO A 227 8.96 -14.04 -20.91
CA PRO A 227 7.90 -13.61 -21.82
C PRO A 227 6.57 -14.30 -21.53
N THR A 228 6.61 -15.45 -20.87
CA THR A 228 5.41 -16.15 -20.43
C THR A 228 5.46 -16.41 -18.92
N VAL A 229 4.39 -16.05 -18.22
CA VAL A 229 4.22 -16.43 -16.83
C VAL A 229 2.97 -17.32 -16.75
N THR A 230 2.83 -18.04 -15.65
CA THR A 230 1.67 -18.92 -15.45
C THR A 230 0.92 -18.59 -14.15
N ILE A 231 -0.39 -18.47 -14.27
CA ILE A 231 -1.30 -18.26 -13.16
C ILE A 231 -2.19 -19.49 -12.99
N PHE A 232 -2.46 -19.88 -11.76
CA PHE A 232 -3.59 -20.75 -11.51
C PHE A 232 -4.37 -20.27 -10.31
N LYS A 233 -5.64 -20.67 -10.27
CA LYS A 233 -6.52 -20.43 -9.13
C LYS A 233 -7.24 -21.73 -8.85
N ILE A 234 -6.92 -22.35 -7.72
CA ILE A 234 -7.48 -23.63 -7.31
C ILE A 234 -8.14 -23.48 -5.95
N SER A 235 -9.43 -23.80 -5.90
CA SER A 235 -10.21 -23.75 -4.67
CA SER A 235 -10.18 -23.74 -4.65
C SER A 235 -10.32 -25.11 -4.00
N LYS A 236 -10.34 -25.10 -2.67
CA LYS A 236 -10.61 -26.27 -1.89
C LYS A 236 -11.63 -25.93 -0.80
N THR A 237 -12.80 -26.56 -0.84
CA THR A 237 -13.71 -26.42 0.29
C THR A 237 -13.16 -27.22 1.47
N VAL A 238 -13.74 -27.00 2.64
CA VAL A 238 -13.35 -27.78 3.81
C VAL A 238 -13.61 -29.30 3.64
N SER A 239 -14.66 -29.67 2.93
CA SER A 239 -14.91 -31.10 2.67
C SER A 239 -13.86 -31.63 1.69
N GLU A 240 -13.40 -30.77 0.79
CA GLU A 240 -12.33 -31.14 -0.14
C GLU A 240 -10.95 -31.18 0.55
N GLY A 241 -10.92 -30.98 1.87
CA GLY A 241 -9.69 -31.05 2.64
C GLY A 241 -8.93 -29.73 2.84
N ALA A 242 -9.63 -28.59 2.76
CA ALA A 242 -8.97 -27.27 2.85
C ALA A 242 -8.05 -27.13 4.07
N VAL A 243 -8.52 -27.56 5.25
CA VAL A 243 -7.76 -27.36 6.47
C VAL A 243 -6.41 -28.06 6.44
N ASP A 244 -6.38 -29.32 6.04
CA ASP A 244 -5.09 -30.02 5.93
C ASP A 244 -4.19 -29.40 4.89
N ILE A 245 -4.78 -28.92 3.79
CA ILE A 245 -3.99 -28.36 2.70
C ILE A 245 -3.36 -27.00 3.12
N ILE A 246 -4.17 -26.12 3.71
CA ILE A 246 -3.66 -24.82 4.13
C ILE A 246 -2.67 -24.98 5.29
N ASN A 247 -2.85 -26.02 6.09
CA ASN A 247 -1.92 -26.30 7.17
C ASN A 247 -0.54 -26.68 6.65
N LYS A 248 -0.51 -27.29 5.47
CA LYS A 248 0.74 -27.62 4.83
C LYS A 248 1.32 -26.39 4.10
N TRP A 249 0.45 -25.66 3.40
CA TRP A 249 0.82 -24.42 2.72
C TRP A 249 1.67 -23.47 3.59
N GLN A 250 1.24 -23.25 4.83
CA GLN A 250 1.86 -22.22 5.67
C GLN A 250 3.33 -22.51 5.94
N VAL A 251 3.72 -23.77 5.82
CA VAL A 251 5.13 -24.16 5.96
C VAL A 251 5.86 -24.24 4.61
N VAL A 252 5.19 -24.76 3.58
CA VAL A 252 5.77 -24.95 2.25
C VAL A 252 5.91 -23.65 1.42
N ALA A 253 4.86 -22.83 1.43
CA ALA A 253 4.81 -21.69 0.52
C ALA A 253 5.96 -20.70 0.78
N PRO A 254 6.26 -20.39 2.06
CA PRO A 254 7.39 -19.47 2.32
C PRO A 254 8.75 -20.03 1.88
N GLN A 255 8.81 -21.34 1.65
CA GLN A 255 10.07 -21.99 1.31
C GLN A 255 10.18 -22.35 -0.15
N LEU A 256 9.12 -22.09 -0.93
CA LEU A 256 9.18 -22.37 -2.36
C LEU A 256 10.22 -21.52 -3.07
N PRO A 257 10.68 -21.96 -4.24
CA PRO A 257 11.57 -21.12 -5.05
C PRO A 257 10.97 -19.73 -5.30
N ALA A 258 11.84 -18.74 -5.44
CA ALA A 258 11.43 -17.35 -5.54
C ALA A 258 10.54 -17.07 -6.73
N ASP A 259 10.63 -17.91 -7.78
CA ASP A 259 9.77 -17.74 -8.96
C ASP A 259 8.31 -18.09 -8.73
N LEU A 260 7.97 -18.64 -7.57
CA LEU A 260 6.60 -19.12 -7.33
C LEU A 260 5.97 -18.49 -6.09
N MET A 261 4.90 -17.75 -6.30
CA MET A 261 4.11 -17.21 -5.20
C MET A 261 2.73 -17.81 -5.18
N ILE A 262 2.32 -18.38 -4.04
CA ILE A 262 0.97 -18.91 -3.88
C ILE A 262 0.27 -18.22 -2.73
N ARG A 263 -0.67 -17.31 -3.04
CA ARG A 263 -1.40 -16.67 -1.98
C ARG A 263 -2.76 -17.33 -1.84
N ILE A 264 -3.45 -17.02 -0.74
CA ILE A 264 -4.77 -17.56 -0.44
C ILE A 264 -5.76 -16.46 -0.19
N ILE A 265 -6.94 -16.60 -0.77
CA ILE A 265 -8.08 -15.79 -0.41
C ILE A 265 -9.17 -16.70 0.19
N ALA A 266 -9.77 -16.28 1.30
CA ALA A 266 -10.84 -17.04 1.91
C ALA A 266 -11.97 -16.13 2.32
N GLN A 267 -13.19 -16.54 2.02
CA GLN A 267 -14.38 -15.77 2.42
C GLN A 267 -15.57 -16.69 2.77
N GLY A 268 -15.26 -17.80 3.42
CA GLY A 268 -16.23 -18.77 3.83
C GLY A 268 -15.42 -20.02 4.03
N PRO A 269 -16.11 -21.18 4.14
CA PRO A 269 -15.43 -22.45 4.43
C PRO A 269 -14.78 -23.04 3.19
N LYS A 270 -13.92 -22.24 2.59
CA LYS A 270 -13.27 -22.55 1.33
C LYS A 270 -12.06 -21.65 1.11
N ALA A 271 -10.96 -22.25 0.71
CA ALA A 271 -9.72 -21.50 0.45
C ALA A 271 -9.38 -21.55 -1.04
N THR A 272 -9.13 -20.39 -1.62
CA THR A 272 -8.68 -20.30 -3.00
C THR A 272 -7.22 -19.96 -3.08
N PHE A 273 -6.47 -20.87 -3.66
CA PHE A 273 -5.03 -20.78 -3.82
C PHE A 273 -4.74 -20.16 -5.17
N GLU A 274 -4.18 -18.95 -5.15
CA GLU A 274 -3.89 -18.19 -6.36
C GLU A 274 -2.40 -18.07 -6.54
N ALA A 275 -1.91 -18.60 -7.64
CA ALA A 275 -0.48 -18.70 -7.85
C ALA A 275 -0.02 -17.92 -9.07
N MET A 276 1.12 -17.28 -8.91
CA MET A 276 1.83 -16.66 -9.99
C MET A 276 3.18 -17.30 -10.07
N TYR A 277 3.53 -17.75 -11.26
CA TYR A 277 4.77 -18.45 -11.48
C TYR A 277 5.54 -17.85 -12.64
N LEU A 278 6.80 -17.50 -12.39
CA LEU A 278 7.61 -16.88 -13.44
C LEU A 278 8.21 -17.97 -14.32
N GLY A 279 7.37 -18.60 -15.11
CA GLY A 279 7.79 -19.71 -15.95
C GLY A 279 6.59 -20.32 -16.63
N THR A 280 6.78 -21.49 -17.23
CA THR A 280 5.73 -22.14 -18.01
C THR A 280 5.00 -23.26 -17.28
N CYS A 281 3.86 -23.67 -17.83
CA CYS A 281 3.17 -24.84 -17.32
C CYS A 281 4.12 -26.05 -17.23
N LYS A 282 4.95 -26.19 -18.26
CA LYS A 282 5.85 -27.33 -18.42
C LYS A 282 6.75 -27.55 -17.21
N THR A 283 7.28 -26.48 -16.63
CA THR A 283 8.12 -26.61 -15.45
C THR A 283 7.35 -26.47 -14.12
N LEU A 284 6.21 -25.79 -14.14
CA LEU A 284 5.42 -25.64 -12.93
C LEU A 284 4.81 -26.96 -12.43
N THR A 285 4.23 -27.72 -13.34
CA THR A 285 3.56 -28.98 -13.00
C THR A 285 4.49 -29.92 -12.20
N PRO A 286 5.70 -30.20 -12.70
CA PRO A 286 6.63 -31.02 -11.91
C PRO A 286 7.08 -30.37 -10.60
N LEU A 287 7.16 -29.05 -10.55
CA LEU A 287 7.52 -28.38 -9.31
C LEU A 287 6.40 -28.58 -8.29
N MET A 288 5.17 -28.39 -8.72
CA MET A 288 4.03 -28.56 -7.82
C MET A 288 3.95 -30.01 -7.31
N SER A 289 4.10 -30.97 -8.22
CA SER A 289 4.04 -32.39 -7.87
CA SER A 289 4.04 -32.38 -7.87
C SER A 289 5.10 -32.74 -6.84
N SER A 290 6.28 -32.17 -7.02
CA SER A 290 7.39 -32.39 -6.09
C SER A 290 7.23 -31.71 -4.73
N LYS A 291 6.77 -30.45 -4.72
CA LYS A 291 6.81 -29.61 -3.51
C LYS A 291 5.47 -29.46 -2.77
N PHE A 292 4.37 -29.50 -3.50
CA PHE A 292 3.05 -29.25 -2.92
C PHE A 292 1.97 -30.10 -3.62
N PRO A 293 2.18 -31.43 -3.64
CA PRO A 293 1.21 -32.31 -4.32
C PRO A 293 -0.16 -32.31 -3.67
N GLU A 294 -0.24 -31.91 -2.42
CA GLU A 294 -1.50 -31.94 -1.71
C GLU A 294 -2.54 -31.03 -2.36
N LEU A 295 -2.08 -30.08 -3.15
CA LEU A 295 -3.00 -29.12 -3.75
C LEU A 295 -3.72 -29.76 -4.94
N GLY A 296 -3.10 -30.76 -5.56
CA GLY A 296 -3.74 -31.47 -6.65
C GLY A 296 -3.74 -30.73 -7.97
N MET A 297 -2.68 -29.96 -8.22
CA MET A 297 -2.57 -29.13 -9.43
C MET A 297 -2.21 -29.97 -10.65
N ASN A 298 -2.80 -29.64 -11.79
CA ASN A 298 -2.45 -30.27 -13.05
C ASN A 298 -2.54 -29.27 -14.19
N PRO A 299 -1.99 -29.61 -15.36
CA PRO A 299 -1.86 -28.64 -16.46
C PRO A 299 -3.15 -27.98 -16.91
N SER A 300 -4.29 -28.60 -16.64
CA SER A 300 -5.56 -28.00 -17.00
C SER A 300 -5.82 -26.73 -16.18
N HIS A 301 -5.14 -26.61 -15.05
CA HIS A 301 -5.30 -25.46 -14.15
C HIS A 301 -4.54 -24.19 -14.60
N CYS A 302 -3.56 -24.39 -15.47
CA CYS A 302 -2.63 -23.34 -15.86
C CYS A 302 -3.16 -22.36 -16.87
N ASN A 303 -2.80 -21.10 -16.68
CA ASN A 303 -3.13 -20.04 -17.62
C ASN A 303 -1.87 -19.27 -17.95
N GLU A 304 -1.35 -19.49 -19.14
CA GLU A 304 -0.12 -18.85 -19.57
C GLU A 304 -0.44 -17.54 -20.22
N MET A 305 0.39 -16.54 -19.93
CA MET A 305 0.14 -15.21 -20.46
C MET A 305 1.36 -14.34 -20.21
N SER A 306 1.36 -13.10 -20.70
CA SER A 306 2.49 -12.22 -20.43
C SER A 306 2.36 -11.66 -19.00
N TRP A 307 3.44 -11.10 -18.49
CA TRP A 307 3.38 -10.44 -17.19
C TRP A 307 2.33 -9.34 -17.18
N ILE A 308 2.29 -8.50 -18.22
CA ILE A 308 1.34 -7.38 -18.16
C ILE A 308 -0.11 -7.89 -18.14
N GLN A 309 -0.40 -8.97 -18.86
CA GLN A 309 -1.74 -9.56 -18.84
C GLN A 309 -2.08 -10.19 -17.49
N SER A 310 -1.06 -10.62 -16.75
CA SER A 310 -1.34 -11.22 -15.44
C SER A 310 -1.89 -10.21 -14.45
N ILE A 311 -1.65 -8.91 -14.66
CA ILE A 311 -2.09 -7.93 -13.66
C ILE A 311 -3.63 -7.86 -13.59
N PRO A 312 -4.30 -7.61 -14.73
CA PRO A 312 -5.75 -7.66 -14.58
C PRO A 312 -6.28 -9.07 -14.37
N PHE A 313 -5.58 -10.08 -14.83
CA PHE A 313 -6.06 -11.44 -14.61
C PHE A 313 -6.08 -11.80 -13.12
N VAL A 314 -5.00 -11.49 -12.41
CA VAL A 314 -4.95 -11.82 -10.99
C VAL A 314 -5.97 -10.97 -10.22
N HIS A 315 -6.00 -9.68 -10.48
CA HIS A 315 -6.84 -8.79 -9.69
C HIS A 315 -8.32 -8.86 -10.01
N LEU A 316 -8.67 -9.07 -11.28
CA LEU A 316 -10.07 -8.95 -11.69
C LEU A 316 -10.64 -10.20 -12.33
N GLY A 317 -9.79 -11.13 -12.69
CA GLY A 317 -10.20 -12.30 -13.44
C GLY A 317 -10.31 -12.06 -14.95
N HIS A 318 -9.90 -10.89 -15.43
CA HIS A 318 -10.03 -10.50 -16.84
C HIS A 318 -8.83 -10.88 -17.68
N ARG A 319 -9.07 -11.33 -18.91
CA ARG A 319 -8.02 -11.73 -19.84
C ARG A 319 -7.91 -10.80 -21.04
N ASP A 320 -8.97 -10.06 -21.27
CA ASP A 320 -9.28 -9.54 -22.59
C ASP A 320 -9.25 -8.01 -22.75
N ALA A 321 -8.85 -7.27 -21.71
CA ALA A 321 -9.15 -5.83 -21.65
C ALA A 321 -8.01 -4.99 -21.04
N LEU A 322 -6.84 -5.09 -21.63
CA LEU A 322 -5.65 -4.55 -21.03
C LEU A 322 -5.69 -3.05 -20.78
N GLU A 323 -6.03 -2.26 -21.80
CA GLU A 323 -6.05 -0.82 -21.64
C GLU A 323 -7.13 -0.35 -20.69
N ASP A 324 -8.30 -0.95 -20.78
CA ASP A 324 -9.39 -0.51 -19.94
C ASP A 324 -9.12 -0.81 -18.46
N ASP A 325 -8.50 -1.96 -18.19
CA ASP A 325 -8.25 -2.38 -16.81
C ASP A 325 -7.07 -1.61 -16.17
N LEU A 326 -6.05 -1.29 -16.94
CA LEU A 326 -4.86 -0.61 -16.39
C LEU A 326 -4.86 0.91 -16.45
N LEU A 327 -5.66 1.47 -17.37
CA LEU A 327 -5.73 2.91 -17.61
C LEU A 327 -7.13 3.39 -17.28
N ASN A 328 -7.49 3.36 -16.02
CA ASN A 328 -8.84 3.62 -15.62
C ASN A 328 -8.87 4.65 -14.53
N ARG A 329 -9.44 5.82 -14.83
CA ARG A 329 -9.59 6.86 -13.82
C ARG A 329 -11.04 7.25 -13.59
N GLN A 330 -11.96 6.33 -13.83
CA GLN A 330 -13.39 6.63 -13.63
C GLN A 330 -13.80 6.60 -12.17
N ASN A 331 -13.04 5.87 -11.34
CA ASN A 331 -13.33 5.74 -9.91
C ASN A 331 -14.75 5.24 -9.59
N SER A 332 -15.08 4.08 -10.14
CA SER A 332 -16.42 3.49 -10.02
C SER A 332 -16.66 2.65 -8.76
N PHE A 333 -15.60 2.02 -8.25
CA PHE A 333 -15.72 1.12 -7.10
C PHE A 333 -15.42 1.93 -5.83
N LYS A 334 -16.46 2.15 -5.04
CA LYS A 334 -16.38 3.01 -3.88
C LYS A 334 -17.13 2.37 -2.69
N PRO A 335 -16.69 1.17 -2.28
CA PRO A 335 -17.30 0.53 -1.11
C PRO A 335 -17.09 1.34 0.18
N PHE A 336 -17.93 1.08 1.18
CA PHE A 336 -17.61 1.40 2.54
C PHE A 336 -16.63 0.30 2.93
N ALA A 337 -15.49 0.66 3.51
CA ALA A 337 -14.48 -0.37 3.81
C ALA A 337 -13.69 -0.16 5.11
N GLU A 338 -13.36 -1.29 5.72
CA GLU A 338 -12.55 -1.41 6.92
C GLU A 338 -11.48 -2.45 6.64
N TYR A 339 -10.28 -2.22 7.20
CA TYR A 339 -9.13 -3.10 6.98
C TYR A 339 -8.25 -3.25 8.22
N LYS A 340 -7.66 -4.43 8.36
CA LYS A 340 -6.67 -4.72 9.42
C LYS A 340 -5.60 -5.62 8.83
N SER A 341 -4.45 -5.72 9.50
CA SER A 341 -3.43 -6.66 9.02
C SER A 341 -2.62 -7.27 10.16
N ASP A 342 -1.96 -8.38 9.84
CA ASP A 342 -1.14 -9.13 10.80
C ASP A 342 0.02 -9.77 10.08
N TYR A 343 1.01 -10.15 10.86
CA TYR A 343 2.14 -10.91 10.38
C TYR A 343 2.27 -12.17 11.23
N VAL A 344 2.63 -13.27 10.58
CA VAL A 344 2.72 -14.57 11.24
C VAL A 344 4.11 -15.15 11.10
N TYR A 345 4.67 -15.50 12.27
CA TYR A 345 6.01 -16.08 12.38
C TYR A 345 6.01 -17.58 12.74
N GLN A 346 4.97 -18.03 13.46
CA GLN A 346 4.83 -19.45 13.85
C GLN A 346 3.57 -20.07 13.25
N PRO A 347 3.68 -21.32 12.73
CA PRO A 347 2.51 -21.96 12.09
C PRO A 347 1.30 -22.01 12.99
N PHE A 348 0.12 -21.76 12.43
CA PHE A 348 -1.13 -21.91 13.16
C PHE A 348 -1.35 -23.40 13.50
N PRO A 349 -1.89 -23.70 14.68
CA PRO A 349 -2.46 -25.05 14.89
C PRO A 349 -3.64 -25.33 13.94
N LYS A 350 -3.79 -26.57 13.51
CA LYS A 350 -4.89 -26.92 12.61
C LYS A 350 -6.22 -26.45 13.18
N THR A 351 -6.36 -26.47 14.50
CA THR A 351 -7.62 -26.05 15.09
C THR A 351 -7.96 -24.59 14.81
N VAL A 352 -6.93 -23.74 14.67
CA VAL A 352 -7.16 -22.32 14.38
C VAL A 352 -7.63 -22.14 12.94
N TRP A 353 -7.03 -22.90 12.02
CA TRP A 353 -7.47 -22.91 10.62
C TRP A 353 -8.92 -23.40 10.53
N GLU A 354 -9.25 -24.46 11.27
CA GLU A 354 -10.65 -24.93 11.35
C GLU A 354 -11.58 -23.81 11.82
N GLN A 355 -11.20 -23.13 12.89
CA GLN A 355 -12.06 -22.05 13.39
C GLN A 355 -12.22 -20.88 12.39
N ILE A 356 -11.14 -20.53 11.70
CA ILE A 356 -11.20 -19.39 10.78
C ILE A 356 -12.19 -19.74 9.64
N LEU A 357 -11.97 -20.89 9.04
CA LEU A 357 -12.76 -21.33 7.91
C LEU A 357 -14.21 -21.70 8.25
N ASN A 358 -14.45 -22.42 9.33
CA ASN A 358 -15.81 -22.91 9.61
C ASN A 358 -16.60 -21.97 10.47
N THR A 359 -15.91 -21.15 11.26
CA THR A 359 -16.61 -20.28 12.19
C THR A 359 -16.47 -18.78 11.94
N TRP A 360 -15.26 -18.24 11.93
CA TRP A 360 -15.13 -16.76 11.82
C TRP A 360 -15.59 -16.22 10.47
N LEU A 361 -15.40 -16.99 9.42
CA LEU A 361 -15.75 -16.51 8.08
C LEU A 361 -17.22 -16.80 7.73
N VAL A 362 -17.97 -17.37 8.68
CA VAL A 362 -19.42 -17.57 8.53
C VAL A 362 -20.16 -16.83 9.65
N LYS A 363 -19.83 -15.56 9.87
CA LYS A 363 -20.54 -14.74 10.85
C LYS A 363 -21.17 -13.56 10.16
N PRO A 364 -22.18 -12.95 10.79
CA PRO A 364 -22.70 -11.71 10.22
C PRO A 364 -21.61 -10.61 10.10
N GLY A 365 -21.53 -9.97 8.94
CA GLY A 365 -20.53 -8.95 8.70
C GLY A 365 -19.13 -9.48 8.48
N ALA A 366 -18.96 -10.80 8.41
CA ALA A 366 -17.66 -11.37 8.13
C ALA A 366 -17.12 -10.85 6.80
N GLY A 367 -15.80 -10.70 6.75
CA GLY A 367 -15.15 -10.17 5.58
C GLY A 367 -14.36 -11.22 4.85
N ILE A 368 -13.23 -10.80 4.31
CA ILE A 368 -12.38 -11.62 3.44
C ILE A 368 -11.00 -11.62 4.05
N MET A 369 -10.32 -12.76 4.02
CA MET A 369 -8.96 -12.82 4.53
C MET A 369 -8.05 -13.23 3.41
N ILE A 370 -6.97 -12.45 3.26
CA ILE A 370 -5.97 -12.68 2.22
C ILE A 370 -4.64 -13.00 2.88
N PHE A 371 -4.01 -14.09 2.44
CA PHE A 371 -2.77 -14.59 3.05
C PHE A 371 -1.65 -14.60 2.00
N ASP A 372 -0.61 -13.78 2.20
CA ASP A 372 0.50 -13.67 1.25
C ASP A 372 1.75 -14.23 1.90
N PRO A 373 2.40 -15.23 1.26
CA PRO A 373 3.60 -15.83 1.84
C PRO A 373 4.85 -15.00 1.56
N TYR A 374 5.74 -14.93 2.55
CA TYR A 374 7.00 -14.20 2.40
C TYR A 374 8.12 -15.24 2.19
N GLY A 375 9.27 -15.10 2.85
CA GLY A 375 10.42 -15.93 2.53
C GLY A 375 11.14 -15.37 1.33
N ALA A 376 12.08 -16.13 0.75
CA ALA A 376 12.82 -15.74 -0.44
C ALA A 376 13.35 -14.28 -0.37
N THR A 377 13.16 -13.48 -1.42
CA THR A 377 13.85 -12.18 -1.49
C THR A 377 13.37 -11.17 -0.44
N ILE A 378 12.07 -11.08 -0.22
CA ILE A 378 11.57 -10.10 0.72
C ILE A 378 12.12 -10.39 2.13
N SER A 379 12.32 -11.67 2.45
CA SER A 379 12.81 -12.04 3.79
C SER A 379 14.34 -12.05 3.91
N ALA A 380 15.04 -11.91 2.78
CA ALA A 380 16.49 -11.91 2.74
C ALA A 380 17.09 -10.54 3.12
N THR A 381 16.35 -9.47 2.86
CA THR A 381 16.77 -8.13 3.26
C THR A 381 16.76 -7.97 4.79
N PRO A 382 17.87 -7.46 5.38
CA PRO A 382 17.85 -7.23 6.84
C PRO A 382 16.71 -6.31 7.27
N GLU A 383 16.19 -6.53 8.47
CA GLU A 383 15.04 -5.78 8.98
C GLU A 383 15.25 -4.27 9.05
N SER A 384 16.49 -3.83 9.28
CA SER A 384 16.80 -2.40 9.38
C SER A 384 17.31 -1.76 8.07
N ALA A 385 17.48 -2.57 7.04
CA ALA A 385 18.03 -2.07 5.77
C ALA A 385 17.11 -1.03 5.10
N THR A 386 15.79 -1.17 5.32
CA THR A 386 14.77 -0.21 4.92
C THR A 386 13.86 -0.03 6.13
N PRO A 387 12.95 0.96 6.10
CA PRO A 387 12.04 1.07 7.24
C PRO A 387 11.04 -0.08 7.42
N PHE A 388 10.78 -0.83 6.35
CA PHE A 388 9.86 -2.00 6.35
C PHE A 388 10.55 -3.18 7.08
N PRO A 389 10.05 -3.57 8.26
CA PRO A 389 10.74 -4.52 9.12
C PRO A 389 10.27 -5.99 9.05
N HIS A 390 9.31 -6.28 8.17
CA HIS A 390 8.59 -7.56 8.22
C HIS A 390 9.27 -8.51 7.27
N ARG A 391 10.35 -9.13 7.72
CA ARG A 391 11.28 -9.75 6.78
C ARG A 391 11.69 -11.18 7.22
N LYS A 392 12.89 -11.36 7.77
N LYS A 392 12.90 -11.36 7.75
CA LYS A 392 13.33 -12.69 8.19
CA LYS A 392 13.34 -12.68 8.21
C LYS A 392 12.34 -13.34 9.15
C LYS A 392 12.34 -13.34 9.15
N GLY A 393 12.00 -14.59 8.87
CA GLY A 393 11.12 -15.37 9.74
C GLY A 393 9.65 -15.24 9.41
N VAL A 394 9.26 -14.25 8.61
CA VAL A 394 7.85 -14.11 8.31
C VAL A 394 7.37 -15.29 7.46
N LEU A 395 6.33 -15.98 7.92
CA LEU A 395 5.69 -17.03 7.09
C LEU A 395 4.72 -16.38 6.12
N PHE A 396 3.81 -15.60 6.64
CA PHE A 396 2.86 -14.90 5.78
C PHE A 396 2.25 -13.69 6.48
N ASN A 397 1.74 -12.79 5.65
CA ASN A 397 0.98 -11.63 6.07
C ASN A 397 -0.50 -11.99 5.97
N ILE A 398 -1.32 -11.36 6.79
CA ILE A 398 -2.77 -11.44 6.67
C ILE A 398 -3.37 -10.06 6.47
N GLN A 399 -4.26 -9.94 5.49
CA GLN A 399 -5.07 -8.75 5.40
C GLN A 399 -6.51 -9.14 5.66
N TYR A 400 -7.17 -8.45 6.58
CA TYR A 400 -8.60 -8.66 6.85
C TYR A 400 -9.37 -7.52 6.18
N VAL A 401 -10.19 -7.83 5.20
CA VAL A 401 -10.88 -6.83 4.41
C VAL A 401 -12.39 -6.93 4.57
N ASN A 402 -13.02 -5.81 4.90
CA ASN A 402 -14.48 -5.70 4.98
C ASN A 402 -15.03 -4.67 4.06
N TYR A 403 -15.94 -5.08 3.19
CA TYR A 403 -16.69 -4.16 2.33
C TYR A 403 -18.19 -4.18 2.69
N TRP A 404 -18.84 -3.02 2.65
CA TRP A 404 -20.29 -2.97 2.65
C TRP A 404 -20.72 -1.81 1.73
N PHE A 405 -22.03 -1.68 1.49
CA PHE A 405 -22.48 -0.82 0.38
C PHE A 405 -23.68 0.06 0.70
N ALA A 406 -24.06 0.15 1.97
CA ALA A 406 -25.09 1.07 2.40
C ALA A 406 -24.65 1.79 3.65
N PRO A 407 -24.93 3.09 3.77
CA PRO A 407 -24.40 3.90 4.87
C PRO A 407 -24.69 3.37 6.26
N GLY A 408 -25.86 2.78 6.47
CA GLY A 408 -26.24 2.36 7.81
C GLY A 408 -25.94 0.91 8.16
N ALA A 409 -25.09 0.25 7.37
CA ALA A 409 -24.83 -1.19 7.54
C ALA A 409 -23.43 -1.50 8.10
N ALA A 410 -22.86 -0.55 8.84
CA ALA A 410 -21.46 -0.61 9.28
C ALA A 410 -21.25 -1.42 10.56
N ALA A 411 -22.28 -1.47 11.39
CA ALA A 411 -22.17 -2.05 12.72
C ALA A 411 -21.61 -3.45 12.68
N ALA A 412 -22.20 -4.33 11.87
CA ALA A 412 -21.81 -5.73 11.88
C ALA A 412 -20.38 -5.97 11.38
N PRO A 413 -20.02 -5.41 10.20
CA PRO A 413 -18.64 -5.60 9.74
C PRO A 413 -17.60 -4.94 10.67
N LEU A 414 -17.87 -3.77 11.23
CA LEU A 414 -16.92 -3.17 12.16
C LEU A 414 -16.75 -4.03 13.39
N SER A 415 -17.81 -4.69 13.84
CA SER A 415 -17.73 -5.55 15.01
CA SER A 415 -17.74 -5.56 15.01
C SER A 415 -16.95 -6.82 14.70
N TRP A 416 -17.18 -7.39 13.53
CA TRP A 416 -16.47 -8.59 13.13
C TRP A 416 -14.94 -8.33 13.08
N SER A 417 -14.59 -7.22 12.45
CA SER A 417 -13.20 -6.83 12.28
C SER A 417 -12.48 -6.75 13.63
N LYS A 418 -13.12 -6.11 14.60
CA LYS A 418 -12.60 -6.01 15.96
CA LYS A 418 -12.57 -6.02 15.95
C LYS A 418 -12.50 -7.39 16.61
N ASP A 419 -13.58 -8.18 16.52
CA ASP A 419 -13.63 -9.50 17.17
C ASP A 419 -12.64 -10.50 16.60
N ILE A 420 -12.49 -10.59 15.29
CA ILE A 420 -11.54 -11.57 14.79
C ILE A 420 -10.09 -11.10 15.10
N TYR A 421 -9.86 -9.79 15.19
CA TYR A 421 -8.51 -9.31 15.52
C TYR A 421 -8.17 -9.75 16.96
N ASN A 422 -9.15 -9.65 17.86
CA ASN A 422 -8.98 -10.13 19.23
CA ASN A 422 -8.97 -10.12 19.22
C ASN A 422 -8.75 -11.63 19.25
N TYR A 423 -9.54 -12.39 18.49
CA TYR A 423 -9.37 -13.84 18.44
C TYR A 423 -7.97 -14.27 17.98
N MET A 424 -7.41 -13.54 17.02
CA MET A 424 -6.16 -13.96 16.41
C MET A 424 -4.91 -13.61 17.23
N GLU A 425 -5.07 -12.75 18.23
CA GLU A 425 -3.93 -12.22 18.99
C GLU A 425 -2.89 -13.25 19.45
N PRO A 426 -3.32 -14.41 19.98
CA PRO A 426 -2.33 -15.40 20.47
C PRO A 426 -1.48 -16.05 19.40
N TYR A 427 -1.90 -16.02 18.13
CA TYR A 427 -1.23 -16.80 17.08
C TYR A 427 -0.36 -15.97 16.11
N VAL A 428 -0.53 -14.66 16.15
CA VAL A 428 0.22 -13.75 15.27
C VAL A 428 1.40 -13.10 16.04
N SER A 429 2.17 -12.24 15.36
CA SER A 429 3.31 -11.57 16.00
C SER A 429 2.88 -10.76 17.21
N LYS A 430 3.81 -10.55 18.14
CA LYS A 430 3.51 -9.77 19.32
C LYS A 430 4.77 -9.08 19.90
N ASN A 431 4.51 -8.07 20.70
CA ASN A 431 5.56 -7.26 21.36
C ASN A 431 6.62 -6.77 20.40
N PRO A 432 6.20 -6.01 19.37
CA PRO A 432 4.83 -5.57 19.07
C PRO A 432 4.09 -6.49 18.09
N ARG A 433 2.78 -6.27 18.05
CA ARG A 433 1.93 -6.89 17.06
C ARG A 433 2.08 -6.13 15.72
N GLN A 434 2.85 -6.72 14.81
CA GLN A 434 3.23 -6.06 13.56
C GLN A 434 2.06 -5.87 12.59
N ALA A 435 2.13 -4.79 11.82
CA ALA A 435 1.12 -4.45 10.82
C ALA A 435 1.80 -3.72 9.67
N TYR A 436 1.19 -3.78 8.50
CA TYR A 436 1.76 -3.16 7.31
C TYR A 436 1.31 -1.69 7.22
N ALA A 437 2.27 -0.76 7.11
CA ALA A 437 1.96 0.68 7.10
C ALA A 437 0.94 1.07 6.01
N ASN A 438 1.03 0.48 4.83
CA ASN A 438 0.08 0.82 3.75
C ASN A 438 -1.29 0.17 3.89
N TYR A 439 -1.46 -0.70 4.90
CA TYR A 439 -2.80 -1.15 5.28
C TYR A 439 -3.19 -0.36 6.51
N ARG A 440 -3.34 0.95 6.35
CA ARG A 440 -3.43 1.84 7.48
C ARG A 440 -4.67 1.55 8.35
N ASP A 441 -4.46 1.53 9.67
CA ASP A 441 -5.51 1.15 10.62
C ASP A 441 -5.39 2.06 11.83
N ILE A 442 -6.31 3.02 11.94
CA ILE A 442 -6.23 4.03 12.99
C ILE A 442 -6.43 3.42 14.38
N ASP A 443 -7.06 2.24 14.46
CA ASP A 443 -7.27 1.63 15.78
C ASP A 443 -5.97 1.10 16.39
N LEU A 444 -4.89 1.12 15.63
CA LEU A 444 -3.62 0.72 16.18
C LEU A 444 -3.07 1.80 17.11
N GLY A 445 -3.66 2.99 17.05
CA GLY A 445 -3.19 4.13 17.79
C GLY A 445 -3.10 5.38 16.93
N ARG A 446 -3.18 6.54 17.56
CA ARG A 446 -3.05 7.81 16.85
C ARG A 446 -2.18 8.77 17.64
N ASN A 447 -1.69 9.82 16.98
CA ASN A 447 -0.81 10.76 17.63
C ASN A 447 -1.59 11.71 18.56
N GLU A 448 -0.90 12.15 19.61
CA GLU A 448 -1.29 13.32 20.40
C GLU A 448 -0.38 14.51 20.01
N VAL A 449 -0.96 15.70 19.89
CA VAL A 449 -0.23 16.91 19.53
C VAL A 449 -0.11 17.85 20.76
N VAL A 450 1.11 18.18 21.14
CA VAL A 450 1.39 19.08 22.28
C VAL A 450 2.28 20.21 21.80
N ASN A 451 1.82 21.44 22.03
CA ASN A 451 2.52 22.65 21.53
C ASN A 451 2.74 22.55 20.02
N ASP A 452 1.69 22.09 19.36
CA ASP A 452 1.60 21.97 17.90
C ASP A 452 2.60 21.00 17.32
N VAL A 453 3.18 20.13 18.14
CA VAL A 453 4.05 19.06 17.62
C VAL A 453 3.55 17.69 18.07
N SER A 454 3.51 16.73 17.14
CA SER A 454 3.23 15.32 17.49
C SER A 454 4.22 14.76 18.48
N THR A 455 3.75 14.11 19.54
CA THR A 455 4.66 13.60 20.58
C THR A 455 5.26 12.25 20.25
N TYR A 456 6.53 12.06 20.64
CA TYR A 456 7.23 10.82 20.39
C TYR A 456 6.51 9.65 21.06
N ALA A 457 6.07 9.83 22.31
CA ALA A 457 5.43 8.71 23.04
C ALA A 457 4.13 8.22 22.39
N SER A 458 3.30 9.14 21.90
CA SER A 458 2.08 8.71 21.23
C SER A 458 2.39 8.02 19.88
N GLY A 459 3.37 8.55 19.16
CA GLY A 459 3.77 7.97 17.87
C GLY A 459 4.29 6.55 18.02
N LYS A 460 4.97 6.28 19.12
CA LYS A 460 5.62 4.99 19.31
C LYS A 460 4.60 3.84 19.43
N VAL A 461 3.41 4.14 19.92
CA VAL A 461 2.40 3.09 20.13
C VAL A 461 2.05 2.37 18.83
N TRP A 462 1.65 3.13 17.80
CA TRP A 462 1.37 2.52 16.49
C TRP A 462 2.66 2.36 15.68
N GLY A 463 3.64 3.22 15.93
CA GLY A 463 4.83 3.27 15.09
C GLY A 463 5.66 2.01 15.20
N GLN A 464 5.74 1.46 16.40
CA GLN A 464 6.43 0.20 16.58
C GLN A 464 5.73 -0.97 15.90
N LYS A 465 4.43 -0.85 15.69
CA LYS A 465 3.71 -1.90 14.99
C LYS A 465 4.02 -1.90 13.47
N TYR A 466 4.04 -0.71 12.86
CA TYR A 466 4.38 -0.61 11.44
C TYR A 466 5.87 -0.82 11.17
N PHE A 467 6.72 -0.34 12.07
CA PHE A 467 8.14 -0.18 11.75
C PHE A 467 9.10 -0.87 12.74
N LYS A 468 8.54 -1.45 13.80
CA LYS A 468 9.29 -2.22 14.78
C LYS A 468 10.56 -1.44 15.21
N GLY A 469 11.75 -2.03 15.07
CA GLY A 469 12.97 -1.39 15.57
C GLY A 469 13.47 -0.21 14.75
N ASN A 470 12.79 0.08 13.64
CA ASN A 470 13.17 1.20 12.78
C ASN A 470 12.49 2.51 13.18
N PHE A 471 11.53 2.44 14.09
CA PHE A 471 10.75 3.63 14.43
C PHE A 471 11.62 4.73 14.98
N GLU A 472 12.57 4.42 15.88
CA GLU A 472 13.36 5.51 16.48
C GLU A 472 14.22 6.24 15.43
N ARG A 473 14.85 5.51 14.51
CA ARG A 473 15.63 6.13 13.44
C ARG A 473 14.71 7.00 12.54
N LEU A 474 13.48 6.54 12.29
CA LEU A 474 12.56 7.36 11.50
C LEU A 474 12.29 8.68 12.21
N ALA A 475 12.06 8.62 13.50
CA ALA A 475 11.73 9.81 14.28
C ALA A 475 12.91 10.78 14.40
N ILE A 476 14.11 10.24 14.54
CA ILE A 476 15.28 11.09 14.61
C ILE A 476 15.46 11.79 13.26
N THR A 477 15.28 11.05 12.16
CA THR A 477 15.33 11.63 10.83
C THR A 477 14.26 12.72 10.66
N LYS A 478 13.03 12.42 11.09
CA LYS A 478 11.95 13.41 11.08
C LYS A 478 12.37 14.69 11.82
N GLY A 479 13.00 14.52 12.97
CA GLY A 479 13.44 15.65 13.76
C GLY A 479 14.46 16.51 13.04
N LYS A 480 15.29 15.89 12.20
CA LYS A 480 16.28 16.63 11.42
C LYS A 480 15.67 17.34 10.22
N VAL A 481 14.71 16.74 9.54
CA VAL A 481 14.20 17.33 8.30
C VAL A 481 12.91 18.15 8.51
N ASP A 482 12.26 18.03 9.66
CA ASP A 482 10.98 18.69 9.88
C ASP A 482 10.70 18.82 11.35
N PRO A 483 11.60 19.52 12.09
CA PRO A 483 11.48 19.64 13.55
C PRO A 483 10.20 20.28 14.00
N THR A 484 9.57 21.14 13.17
CA THR A 484 8.31 21.76 13.61
C THR A 484 7.07 20.93 13.20
N ASP A 485 7.29 19.74 12.64
CA ASP A 485 6.19 18.82 12.36
C ASP A 485 5.20 19.47 11.38
N TYR A 486 5.73 20.07 10.33
CA TYR A 486 4.84 20.69 9.34
C TYR A 486 3.99 19.63 8.58
N PHE A 487 4.67 18.65 8.01
CA PHE A 487 3.99 17.58 7.26
C PHE A 487 3.56 16.51 8.24
N ARG A 488 2.30 16.49 8.63
CA ARG A 488 1.84 15.47 9.56
C ARG A 488 0.39 15.08 9.33
N ASN A 489 0.01 14.00 9.96
CA ASN A 489 -1.39 13.61 10.05
C ASN A 489 -1.51 12.84 11.36
N GLU A 490 -2.63 12.16 11.56
CA GLU A 490 -2.93 11.53 12.84
C GLU A 490 -2.06 10.32 13.10
N GLN A 491 -1.37 9.84 12.06
CA GLN A 491 -0.52 8.65 12.19
C GLN A 491 0.77 8.83 11.36
N SER A 492 1.42 9.95 11.59
CA SER A 492 2.69 10.30 10.92
C SER A 492 3.86 10.27 11.93
N ILE A 493 5.07 10.08 11.42
CA ILE A 493 6.24 9.96 12.29
C ILE A 493 6.41 11.27 13.06
N PRO A 494 6.45 11.20 14.41
CA PRO A 494 6.73 12.42 15.18
C PRO A 494 8.23 12.75 15.22
N PRO A 495 8.55 14.04 15.33
CA PRO A 495 9.97 14.39 15.41
C PRO A 495 10.58 14.06 16.79
N LEU A 496 11.76 13.45 16.77
CA LEU A 496 12.55 13.19 18.00
C LEU A 496 13.83 14.02 17.91
N ILE A 497 13.90 15.09 18.72
CA ILE A 497 14.97 16.10 18.56
C ILE A 497 15.76 16.31 19.85
N LYS A 498 16.93 16.95 19.70
CA LYS A 498 17.84 17.30 20.83
C LYS A 498 17.13 17.61 22.15
#